data_3H17
#
_entry.id   3H17
#
_cell.length_a   61.137
_cell.length_b   61.137
_cell.length_c   148.919
_cell.angle_alpha   90.00
_cell.angle_beta   90.00
_cell.angle_gamma   90.00
#
_symmetry.space_group_name_H-M   'P 41 21 2'
#
loop_
_entity.id
_entity.type
_entity.pdbx_description
1 polymer Esterase/lipase
2 non-polymer 'phenylmethanesulfonic acid'
3 water water
#
_entity_poly.entity_id   1
_entity_poly.type   'polypeptide(L)'
_entity_poly.pdbx_seq_one_letter_code
;MASMTGGQQMGRGMAGPEIVKLKKILREKAVPPGTEVPLDVMRKGMEKVAFKAADDIQVEQVTVAGCAAEWVRAPGCQAG
KAILYLHGGGYVMGSINTHRSMVGEISRASQAAALLLDYRLAPEHPFPAAVEDGVAAYRWLLDQGFKPQHLSISGDSAGG
GLVLAVLVSARDQGLPMPASAIPISPWADMTCTNDSFKTRAEADPMVAPGGINKMAARYLNGADAKHPYASPNFANLKGL
PPLLIHVGRDEVLLDDSIKLDAKAKADGVKSTLEIWDDMIHVWHAFHPMLPEGKQAIVRVGEFMREQWAALAAALEHHHH
HH
;
_entity_poly.pdbx_strand_id   A
#
loop_
_chem_comp.id
_chem_comp.type
_chem_comp.name
_chem_comp.formula
PMS non-polymer 'phenylmethanesulfonic acid' 'C7 H8 O3 S'
#
# COMPACT_ATOMS: atom_id res chain seq x y z
N ALA A 15 12.77 6.87 22.87
CA ALA A 15 13.34 6.88 21.53
C ALA A 15 13.59 5.46 21.06
N GLY A 16 14.25 5.31 19.91
CA GLY A 16 15.08 4.15 19.61
C GLY A 16 16.07 4.60 18.58
N PRO A 17 17.17 3.91 18.30
CA PRO A 17 18.27 4.63 17.63
C PRO A 17 18.37 4.29 16.14
N GLU A 18 17.72 3.22 15.71
CA GLU A 18 17.80 2.90 14.29
C GLU A 18 17.06 3.86 13.42
N ILE A 19 15.90 4.35 13.81
CA ILE A 19 15.26 5.37 13.04
C ILE A 19 15.94 6.70 13.12
N VAL A 20 16.65 6.92 14.21
CA VAL A 20 17.45 8.14 14.35
C VAL A 20 18.54 8.11 13.27
N LYS A 21 19.30 7.01 13.16
CA LYS A 21 20.35 6.99 12.14
C LYS A 21 19.72 7.17 10.79
N LEU A 22 18.52 6.63 10.65
CA LEU A 22 17.90 6.52 9.37
C LEU A 22 17.12 7.77 8.98
N LYS A 23 16.54 8.46 9.93
CA LYS A 23 16.02 9.74 9.60
C LYS A 23 17.14 10.65 9.15
N LYS A 24 18.34 10.59 9.77
CA LYS A 24 19.46 11.47 9.44
C LYS A 24 19.80 11.19 8.01
N ILE A 25 19.86 9.91 7.69
CA ILE A 25 20.24 9.43 6.36
C ILE A 25 19.29 10.00 5.28
N LEU A 26 17.99 9.97 5.60
CA LEU A 26 16.93 10.30 4.65
C LEU A 26 16.82 11.78 4.45
N ARG A 27 16.73 12.56 5.52
CA ARG A 27 17.19 13.99 5.51
C ARG A 27 18.41 14.36 4.57
N GLU A 28 19.58 13.75 4.69
CA GLU A 28 20.65 14.16 3.80
C GLU A 28 20.46 13.84 2.30
N LYS A 29 19.62 12.84 1.99
CA LYS A 29 19.35 12.38 0.60
C LYS A 29 18.10 12.99 -0.09
N ALA A 30 17.09 13.44 0.66
CA ALA A 30 15.93 14.16 0.06
C ALA A 30 16.40 15.41 -0.72
N VAL A 31 15.57 15.90 -1.65
CA VAL A 31 15.92 17.08 -2.45
C VAL A 31 15.61 18.20 -1.43
N PRO A 32 15.81 19.50 -1.77
CA PRO A 32 15.15 20.57 -0.95
C PRO A 32 13.63 20.27 -0.90
N PRO A 33 12.89 21.04 -0.06
CA PRO A 33 11.58 21.69 -0.09
C PRO A 33 11.31 22.38 -1.43
N GLY A 34 10.35 21.78 -2.13
CA GLY A 34 9.81 22.31 -3.35
C GLY A 34 10.79 22.54 -4.46
N THR A 35 11.83 21.70 -4.58
CA THR A 35 12.54 21.63 -5.88
C THR A 35 11.66 20.74 -6.80
N GLU A 36 11.82 20.81 -8.11
CA GLU A 36 10.69 20.46 -8.98
C GLU A 36 11.20 19.33 -9.79
N VAL A 37 10.96 18.09 -9.37
CA VAL A 37 11.70 17.03 -10.00
C VAL A 37 10.95 16.42 -11.19
N PRO A 38 11.59 16.34 -12.40
CA PRO A 38 10.92 15.60 -13.49
C PRO A 38 10.43 14.22 -13.13
N LEU A 39 9.44 13.77 -13.90
CA LEU A 39 8.85 12.47 -13.63
C LEU A 39 9.71 11.26 -13.98
N ASP A 40 10.46 11.27 -15.10
CA ASP A 40 11.29 10.12 -15.31
C ASP A 40 12.46 10.17 -14.36
N VAL A 41 12.86 11.37 -13.95
CA VAL A 41 13.95 11.47 -12.98
C VAL A 41 13.53 10.90 -11.66
N MET A 42 12.32 11.23 -11.21
CA MET A 42 11.79 10.56 -10.01
C MET A 42 11.68 9.00 -10.11
N ARG A 43 11.18 8.48 -11.23
CA ARG A 43 10.94 7.04 -11.47
C ARG A 43 12.21 6.22 -11.43
N LYS A 44 13.29 6.77 -11.98
CA LYS A 44 14.54 6.05 -12.12
C LYS A 44 15.22 6.06 -10.76
N GLY A 45 15.13 7.23 -10.15
CA GLY A 45 15.47 7.36 -8.76
C GLY A 45 15.04 6.13 -7.98
N MET A 46 13.74 5.88 -8.00
CA MET A 46 13.16 4.84 -7.21
C MET A 46 13.66 3.48 -7.65
N GLU A 47 13.88 3.31 -8.97
CA GLU A 47 14.37 2.03 -9.51
C GLU A 47 15.79 1.92 -9.09
N LYS A 48 16.56 3.00 -9.22
CA LYS A 48 17.95 2.83 -8.89
C LYS A 48 18.14 2.53 -7.38
N VAL A 49 17.35 3.03 -6.47
CA VAL A 49 17.76 2.67 -5.12
C VAL A 49 16.93 1.59 -4.47
N ALA A 50 16.23 0.78 -5.24
CA ALA A 50 15.27 -0.19 -4.68
C ALA A 50 16.00 -1.38 -4.09
N PHE A 51 15.54 -1.82 -2.93
CA PHE A 51 16.14 -3.03 -2.36
C PHE A 51 16.13 -4.38 -3.14
N LYS A 52 17.30 -4.99 -3.28
CA LYS A 52 17.35 -6.39 -3.66
C LYS A 52 16.55 -7.30 -2.72
N ALA A 53 15.50 -7.96 -3.23
CA ALA A 53 14.79 -9.08 -2.49
C ALA A 53 15.74 -10.15 -1.93
N ALA A 54 15.37 -10.67 -0.76
CA ALA A 54 16.27 -11.63 -0.10
C ALA A 54 16.36 -12.78 -1.10
N ASP A 55 17.52 -13.39 -1.06
CA ASP A 55 17.81 -14.46 -1.96
C ASP A 55 16.91 -15.71 -1.82
N ASP A 56 16.24 -15.87 -0.67
CA ASP A 56 15.44 -17.08 -0.47
C ASP A 56 14.06 -16.96 -0.97
N ILE A 57 13.76 -15.79 -1.58
CA ILE A 57 12.47 -15.41 -2.17
C ILE A 57 12.37 -15.80 -3.65
N GLN A 58 11.33 -16.43 -4.11
CA GLN A 58 11.30 -16.65 -5.52
C GLN A 58 10.21 -15.94 -6.19
N VAL A 59 10.44 -15.61 -7.43
CA VAL A 59 9.58 -14.83 -8.21
C VAL A 59 9.12 -15.64 -9.44
N GLU A 60 8.03 -15.24 -10.06
CA GLU A 60 7.64 -15.93 -11.30
C GLU A 60 6.76 -14.98 -12.03
N GLN A 61 7.19 -14.55 -13.19
CA GLN A 61 6.45 -13.48 -13.80
C GLN A 61 5.16 -14.04 -14.45
N VAL A 62 4.12 -13.24 -14.43
CA VAL A 62 2.85 -13.55 -15.03
C VAL A 62 2.35 -12.26 -15.60
N THR A 63 1.49 -12.36 -16.59
CA THR A 63 0.61 -11.21 -16.86
C THR A 63 -0.82 -11.51 -16.29
N VAL A 64 -1.44 -10.43 -15.82
CA VAL A 64 -2.78 -10.37 -15.22
C VAL A 64 -3.55 -9.09 -15.63
N ALA A 65 -4.76 -9.26 -16.25
CA ALA A 65 -5.63 -8.16 -16.72
C ALA A 65 -4.76 -7.24 -17.48
N GLY A 66 -4.03 -7.80 -18.41
CA GLY A 66 -3.13 -7.00 -19.28
C GLY A 66 -1.98 -6.35 -18.58
N CYS A 67 -1.81 -6.54 -17.27
CA CYS A 67 -0.60 -5.99 -16.54
C CYS A 67 0.48 -7.01 -16.30
N ALA A 68 1.74 -6.58 -16.42
CA ALA A 68 2.76 -7.43 -15.89
C ALA A 68 2.57 -7.51 -14.36
N ALA A 69 3.14 -8.62 -13.81
CA ALA A 69 3.07 -9.06 -12.39
C ALA A 69 4.12 -10.07 -12.10
N GLU A 70 4.32 -10.32 -10.80
CA GLU A 70 5.20 -11.43 -10.29
C GLU A 70 4.39 -12.01 -9.18
N TRP A 71 4.45 -13.33 -9.08
CA TRP A 71 3.98 -14.08 -7.95
C TRP A 71 5.22 -14.09 -7.18
N VAL A 72 5.14 -13.63 -5.93
CA VAL A 72 6.29 -13.38 -5.08
C VAL A 72 6.17 -14.34 -3.90
N ARG A 73 7.03 -15.38 -3.85
CA ARG A 73 6.92 -16.48 -2.87
C ARG A 73 8.14 -16.54 -2.00
N ALA A 74 7.94 -16.40 -0.68
CA ALA A 74 9.04 -16.67 0.29
C ALA A 74 8.92 -18.12 0.75
N PRO A 75 9.87 -18.65 1.59
CA PRO A 75 9.62 -19.97 2.20
C PRO A 75 8.47 -19.95 3.21
N GLY A 76 7.77 -21.05 3.27
CA GLY A 76 6.64 -21.13 4.14
C GLY A 76 5.36 -21.16 3.35
N CYS A 77 5.36 -20.80 2.08
CA CYS A 77 4.10 -20.43 1.49
C CYS A 77 3.02 -21.53 1.43
N GLN A 78 1.86 -21.30 2.04
CA GLN A 78 0.82 -22.29 2.07
C GLN A 78 -0.07 -22.41 0.82
N ALA A 79 -0.63 -23.61 0.62
CA ALA A 79 -1.53 -23.99 -0.51
C ALA A 79 -2.68 -23.03 -1.01
N GLY A 80 -3.73 -22.79 -0.24
CA GLY A 80 -4.80 -21.96 -0.82
C GLY A 80 -4.54 -20.46 -0.83
N LYS A 81 -3.44 -19.98 -0.25
CA LYS A 81 -3.57 -18.60 0.17
C LYS A 81 -2.94 -17.62 -0.80
N ALA A 82 -3.34 -16.33 -0.74
CA ALA A 82 -2.74 -15.19 -1.58
C ALA A 82 -3.05 -13.79 -1.23
N ILE A 83 -2.12 -12.92 -1.64
CA ILE A 83 -2.18 -11.55 -1.35
C ILE A 83 -2.13 -10.75 -2.62
N LEU A 84 -3.19 -9.99 -2.86
CA LEU A 84 -3.07 -8.97 -3.85
C LEU A 84 -2.36 -7.77 -3.18
N TYR A 85 -1.11 -7.67 -3.52
CA TYR A 85 -0.33 -6.58 -3.12
C TYR A 85 -0.32 -5.44 -4.11
N LEU A 86 -0.58 -4.24 -3.65
CA LEU A 86 -0.43 -3.01 -4.50
C LEU A 86 0.56 -1.98 -3.98
N HIS A 87 1.55 -1.64 -4.81
CA HIS A 87 2.66 -0.83 -4.35
C HIS A 87 2.29 0.61 -4.30
N GLY A 88 2.95 1.34 -3.42
CA GLY A 88 2.77 2.80 -3.44
C GLY A 88 3.67 3.38 -4.51
N GLY A 89 3.68 4.74 -4.54
CA GLY A 89 4.37 5.59 -5.43
C GLY A 89 3.43 6.68 -5.97
N GLY A 90 2.45 7.11 -5.25
CA GLY A 90 1.96 8.42 -5.75
C GLY A 90 0.97 8.26 -6.91
N TYR A 91 0.78 6.99 -7.30
CA TYR A 91 0.07 6.61 -8.53
C TYR A 91 0.77 6.93 -9.85
N VAL A 92 1.96 7.49 -9.80
CA VAL A 92 2.67 7.94 -10.96
C VAL A 92 3.97 7.21 -11.07
N MET A 93 4.28 6.43 -10.07
CA MET A 93 5.54 5.68 -10.01
C MET A 93 5.62 4.34 -9.19
N GLY A 94 6.80 3.72 -9.08
CA GLY A 94 6.90 2.48 -8.23
C GLY A 94 6.58 1.33 -9.17
N SER A 95 6.85 0.06 -8.85
CA SER A 95 6.85 -0.93 -9.87
C SER A 95 7.10 -2.25 -9.14
N ILE A 96 6.89 -3.40 -9.79
CA ILE A 96 7.26 -4.65 -9.18
C ILE A 96 8.65 -4.54 -8.53
N ASN A 97 9.68 -4.18 -9.27
CA ASN A 97 11.01 -4.13 -8.68
C ASN A 97 11.17 -3.27 -7.35
N THR A 98 10.54 -2.09 -7.28
CA THR A 98 10.79 -1.21 -6.16
C THR A 98 10.13 -1.84 -4.99
N HIS A 99 9.18 -2.74 -5.16
CA HIS A 99 8.52 -3.17 -3.97
C HIS A 99 8.69 -4.69 -3.71
N ARG A 100 9.45 -5.39 -4.58
CA ARG A 100 9.73 -6.80 -4.41
C ARG A 100 10.27 -7.20 -3.06
N SER A 101 11.26 -6.47 -2.56
CA SER A 101 11.85 -6.84 -1.28
C SER A 101 10.81 -6.77 -0.12
N MET A 102 10.10 -5.70 0.02
CA MET A 102 9.25 -5.69 1.16
C MET A 102 8.12 -6.77 1.00
N VAL A 103 7.84 -7.15 -0.23
CA VAL A 103 6.65 -7.91 -0.35
C VAL A 103 7.05 -9.36 -0.11
N GLY A 104 8.21 -9.68 -0.58
CA GLY A 104 8.85 -10.94 -0.07
C GLY A 104 8.65 -11.05 1.44
N GLU A 105 9.01 -10.00 2.19
CA GLU A 105 9.01 -10.15 3.65
C GLU A 105 7.52 -10.33 4.11
N ILE A 106 6.62 -9.65 3.43
CA ILE A 106 5.31 -9.76 3.98
C ILE A 106 4.80 -11.25 3.68
N SER A 107 5.17 -11.79 2.51
CA SER A 107 4.86 -13.14 2.17
C SER A 107 5.50 -14.15 3.20
N ARG A 108 6.79 -14.03 3.47
CA ARG A 108 7.44 -14.71 4.57
C ARG A 108 6.64 -14.56 5.88
N ALA A 109 6.11 -13.41 6.21
CA ALA A 109 5.57 -13.36 7.54
C ALA A 109 4.18 -13.97 7.45
N SER A 110 3.59 -14.00 6.29
CA SER A 110 2.16 -14.42 6.24
C SER A 110 1.87 -15.79 5.64
N GLN A 111 2.92 -16.42 5.08
CA GLN A 111 2.92 -17.83 4.63
C GLN A 111 2.02 -17.87 3.45
N ALA A 112 1.98 -16.76 2.74
CA ALA A 112 1.32 -16.78 1.50
C ALA A 112 2.19 -16.13 0.44
N ALA A 113 1.94 -16.59 -0.77
CA ALA A 113 2.53 -16.01 -1.94
C ALA A 113 1.79 -14.64 -2.24
N ALA A 114 2.52 -13.61 -2.78
CA ALA A 114 1.87 -12.39 -3.19
C ALA A 114 1.81 -12.23 -4.71
N LEU A 115 0.68 -11.70 -5.15
CA LEU A 115 0.58 -11.31 -6.50
C LEU A 115 0.94 -9.79 -6.50
N LEU A 116 2.08 -9.47 -7.13
CA LEU A 116 2.65 -8.17 -6.98
C LEU A 116 2.38 -7.47 -8.28
N LEU A 117 1.33 -6.66 -8.33
CA LEU A 117 0.78 -6.09 -9.60
C LEU A 117 1.48 -4.84 -10.08
N ASP A 118 1.76 -4.82 -11.36
CA ASP A 118 2.31 -3.61 -12.05
C ASP A 118 1.11 -2.92 -12.72
N TYR A 119 0.27 -2.28 -11.93
CA TYR A 119 -0.94 -1.68 -12.47
C TYR A 119 -0.61 -0.38 -13.19
N ARG A 120 -1.60 0.16 -13.91
CA ARG A 120 -1.30 1.26 -14.84
C ARG A 120 -1.08 2.48 -14.04
N LEU A 121 -0.09 3.31 -14.44
CA LEU A 121 0.31 4.51 -13.71
C LEU A 121 -0.01 5.77 -14.40
N ALA A 122 -0.27 6.84 -13.66
CA ALA A 122 -0.51 8.15 -14.29
C ALA A 122 0.86 8.82 -14.38
N PRO A 123 0.94 9.89 -15.22
CA PRO A 123 -0.25 10.46 -15.87
C PRO A 123 -0.56 9.89 -17.29
N GLU A 124 0.09 8.81 -17.69
CA GLU A 124 -0.30 8.16 -18.94
C GLU A 124 -1.66 7.48 -18.77
N HIS A 125 -1.93 6.93 -17.61
CA HIS A 125 -3.14 6.12 -17.37
C HIS A 125 -3.86 6.76 -16.15
N PRO A 126 -4.69 7.80 -16.41
CA PRO A 126 -5.25 8.43 -15.19
C PRO A 126 -6.24 7.60 -14.42
N PHE A 127 -6.51 7.98 -13.17
CA PHE A 127 -7.69 7.47 -12.56
C PHE A 127 -8.83 7.41 -13.60
N PRO A 128 -9.63 6.30 -13.60
CA PRO A 128 -9.74 5.13 -12.68
C PRO A 128 -8.99 3.88 -13.06
N ALA A 129 -7.92 4.09 -13.84
CA ALA A 129 -7.14 3.04 -14.46
C ALA A 129 -6.62 1.98 -13.47
N ALA A 130 -5.77 2.43 -12.56
CA ALA A 130 -5.26 1.61 -11.47
C ALA A 130 -6.36 1.00 -10.59
N VAL A 131 -7.52 1.59 -10.43
CA VAL A 131 -8.63 0.83 -9.76
C VAL A 131 -9.11 -0.31 -10.68
N GLU A 132 -9.29 0.07 -11.94
CA GLU A 132 -9.75 -0.97 -12.90
C GLU A 132 -8.78 -2.14 -12.94
N ASP A 133 -7.48 -1.87 -12.73
CA ASP A 133 -6.51 -2.96 -12.64
C ASP A 133 -6.64 -3.82 -11.38
N GLY A 134 -6.71 -3.15 -10.22
CA GLY A 134 -6.93 -3.86 -8.95
C GLY A 134 -8.14 -4.77 -9.01
N VAL A 135 -9.26 -4.25 -9.37
CA VAL A 135 -10.44 -5.07 -9.47
C VAL A 135 -10.17 -6.19 -10.42
N ALA A 136 -9.44 -5.91 -11.50
CA ALA A 136 -9.39 -6.96 -12.47
C ALA A 136 -8.47 -8.03 -11.95
N ALA A 137 -7.41 -7.67 -11.21
CA ALA A 137 -6.54 -8.69 -10.64
C ALA A 137 -7.22 -9.52 -9.61
N TYR A 138 -7.97 -8.86 -8.71
CA TYR A 138 -8.72 -9.60 -7.70
C TYR A 138 -9.60 -10.66 -8.42
N ARG A 139 -10.49 -10.24 -9.30
CA ARG A 139 -11.32 -11.12 -10.19
C ARG A 139 -10.56 -12.30 -10.80
N TRP A 140 -9.31 -12.03 -11.16
CA TRP A 140 -8.52 -13.02 -11.75
C TRP A 140 -8.11 -14.02 -10.72
N LEU A 141 -7.86 -13.54 -9.52
CA LEU A 141 -7.42 -14.45 -8.50
C LEU A 141 -8.58 -15.37 -8.29
N LEU A 142 -9.76 -14.84 -8.27
CA LEU A 142 -10.90 -15.71 -8.19
C LEU A 142 -11.12 -16.59 -9.38
N ASP A 143 -10.94 -16.11 -10.58
CA ASP A 143 -11.12 -17.00 -11.70
C ASP A 143 -10.09 -18.07 -11.77
N GLN A 144 -9.02 -17.91 -10.98
CA GLN A 144 -8.03 -19.02 -10.72
C GLN A 144 -8.55 -19.95 -9.64
N GLY A 145 -9.61 -19.55 -8.94
CA GLY A 145 -10.18 -20.43 -7.89
C GLY A 145 -9.40 -20.29 -6.60
N PHE A 146 -8.82 -19.09 -6.33
CA PHE A 146 -8.46 -18.73 -4.98
C PHE A 146 -9.79 -18.44 -4.24
N LYS A 147 -9.97 -18.89 -3.00
CA LYS A 147 -11.28 -18.73 -2.38
C LYS A 147 -11.26 -17.54 -1.50
N PRO A 148 -12.22 -16.62 -1.73
CA PRO A 148 -12.28 -15.29 -1.15
C PRO A 148 -11.66 -15.32 0.22
N GLN A 149 -12.04 -16.35 0.98
CA GLN A 149 -11.73 -16.40 2.41
C GLN A 149 -10.30 -16.86 2.62
N HIS A 150 -9.70 -17.31 1.51
CA HIS A 150 -8.25 -17.50 1.46
C HIS A 150 -7.54 -16.34 0.89
N LEU A 151 -8.23 -15.24 0.61
CA LEU A 151 -7.49 -14.11 0.10
C LEU A 151 -7.32 -13.01 1.09
N SER A 152 -6.23 -12.32 0.89
CA SER A 152 -6.01 -11.07 1.62
C SER A 152 -5.57 -9.97 0.60
N ILE A 153 -5.73 -8.69 0.91
CA ILE A 153 -5.30 -7.67 -0.07
C ILE A 153 -4.51 -6.58 0.66
N SER A 154 -3.32 -6.23 0.17
CA SER A 154 -2.56 -5.26 0.99
C SER A 154 -1.78 -4.20 0.16
N GLY A 155 -1.14 -3.19 0.76
CA GLY A 155 -0.72 -2.12 -0.21
C GLY A 155 -0.22 -0.92 0.55
N ASP A 156 0.88 -0.33 0.10
CA ASP A 156 1.40 0.87 0.78
C ASP A 156 1.07 2.21 0.05
N SER A 157 0.66 3.16 0.85
CA SER A 157 0.71 4.50 0.38
C SER A 157 -0.38 4.73 -0.64
N ALA A 158 0.03 5.03 -1.89
CA ALA A 158 -1.04 5.17 -2.85
C ALA A 158 -1.65 3.79 -2.95
N GLY A 159 -0.80 2.75 -2.73
CA GLY A 159 -1.20 1.38 -2.93
C GLY A 159 -2.22 1.21 -1.82
N GLY A 160 -1.96 1.82 -0.66
CA GLY A 160 -2.88 1.55 0.44
C GLY A 160 -4.26 2.10 0.18
N GLY A 161 -4.36 3.22 -0.55
CA GLY A 161 -5.66 3.73 -0.70
C GLY A 161 -6.33 2.84 -1.74
N LEU A 162 -5.63 2.53 -2.81
CA LEU A 162 -6.17 1.69 -3.81
C LEU A 162 -6.76 0.43 -3.23
N VAL A 163 -6.11 -0.17 -2.20
CA VAL A 163 -6.58 -1.45 -1.56
C VAL A 163 -8.10 -1.23 -1.25
N LEU A 164 -8.33 -0.06 -0.70
CA LEU A 164 -9.66 0.24 -0.28
C LEU A 164 -10.47 0.40 -1.47
N ALA A 165 -9.90 1.01 -2.49
CA ALA A 165 -10.74 1.54 -3.58
C ALA A 165 -11.19 0.34 -4.37
N VAL A 166 -10.34 -0.66 -4.42
CA VAL A 166 -10.61 -1.91 -5.10
C VAL A 166 -11.65 -2.69 -4.39
N LEU A 167 -11.65 -2.55 -3.08
CA LEU A 167 -12.68 -3.24 -2.25
C LEU A 167 -14.10 -2.68 -2.51
N VAL A 168 -14.27 -1.38 -2.29
CA VAL A 168 -15.55 -0.74 -2.56
C VAL A 168 -16.03 -1.10 -3.95
N SER A 169 -15.09 -0.86 -4.88
CA SER A 169 -15.30 -1.16 -6.31
C SER A 169 -15.76 -2.59 -6.61
N ALA A 170 -15.00 -3.62 -6.12
CA ALA A 170 -15.38 -5.01 -6.28
C ALA A 170 -16.69 -5.28 -5.54
N ARG A 171 -16.95 -4.55 -4.45
CA ARG A 171 -18.14 -4.88 -3.76
C ARG A 171 -19.38 -4.38 -4.57
N ASP A 172 -19.38 -3.08 -4.96
CA ASP A 172 -20.30 -2.50 -5.92
C ASP A 172 -20.48 -3.45 -7.13
N GLN A 173 -19.45 -4.21 -7.51
CA GLN A 173 -19.76 -5.12 -8.67
C GLN A 173 -20.12 -6.57 -8.30
N GLY A 174 -20.28 -6.86 -7.03
CA GLY A 174 -20.81 -8.14 -6.64
C GLY A 174 -19.69 -9.12 -6.37
N LEU A 175 -18.57 -8.60 -5.93
CA LEU A 175 -17.55 -9.50 -5.69
C LEU A 175 -17.58 -9.91 -4.21
N PRO A 176 -17.40 -11.20 -3.97
CA PRO A 176 -17.22 -11.74 -2.68
C PRO A 176 -16.05 -10.95 -2.09
N MET A 177 -16.12 -10.52 -0.82
CA MET A 177 -14.93 -9.84 -0.23
C MET A 177 -13.86 -10.83 0.26
N PRO A 178 -12.55 -10.38 0.30
CA PRO A 178 -11.47 -11.27 0.82
C PRO A 178 -11.55 -11.35 2.33
N ALA A 179 -10.60 -12.00 2.98
CA ALA A 179 -10.76 -12.28 4.39
C ALA A 179 -10.22 -11.14 5.24
N SER A 180 -9.14 -10.50 4.81
CA SER A 180 -8.53 -9.30 5.45
C SER A 180 -8.18 -8.19 4.47
N ALA A 181 -7.82 -7.03 4.98
CA ALA A 181 -7.15 -6.05 4.08
C ALA A 181 -6.22 -5.26 4.93
N ILE A 182 -5.01 -5.00 4.46
CA ILE A 182 -3.95 -4.35 5.32
C ILE A 182 -3.29 -3.23 4.57
N PRO A 183 -3.84 -2.06 4.66
CA PRO A 183 -3.30 -0.84 4.00
C PRO A 183 -2.16 -0.26 4.84
N ILE A 184 -1.02 0.00 4.19
CA ILE A 184 0.07 0.50 4.96
C ILE A 184 0.34 1.97 4.68
N SER A 185 0.33 2.84 5.69
CA SER A 185 0.44 4.27 5.43
C SER A 185 -0.41 4.70 4.18
N PRO A 186 -1.74 4.42 4.13
CA PRO A 186 -2.50 4.62 2.90
C PRO A 186 -2.70 6.11 2.70
N TRP A 187 -2.72 6.53 1.45
CA TRP A 187 -3.13 7.83 1.09
C TRP A 187 -4.56 7.68 0.61
N ALA A 188 -5.55 7.89 1.47
CA ALA A 188 -6.87 7.72 0.97
C ALA A 188 -7.76 9.00 0.79
N ASP A 189 -7.16 10.12 0.38
CA ASP A 189 -7.80 11.43 0.40
C ASP A 189 -6.87 12.20 -0.48
N MET A 190 -7.35 12.41 -1.68
CA MET A 190 -6.57 13.15 -2.64
C MET A 190 -6.69 14.68 -2.50
N THR A 191 -7.48 15.19 -1.57
CA THR A 191 -7.57 16.63 -1.49
C THR A 191 -6.41 17.12 -0.63
N CYS A 192 -5.65 16.16 -0.02
CA CYS A 192 -4.55 16.41 0.95
C CYS A 192 -4.59 17.60 1.93
N THR A 193 -5.71 17.67 2.67
CA THR A 193 -6.12 18.84 3.43
C THR A 193 -6.03 18.60 4.92
N ASN A 194 -5.51 17.43 5.32
CA ASN A 194 -5.47 17.00 6.69
C ASN A 194 -4.37 17.63 7.51
N ASP A 195 -4.69 17.95 8.77
CA ASP A 195 -3.75 18.61 9.67
C ASP A 195 -2.35 18.03 9.56
N SER A 196 -2.27 16.70 9.59
CA SER A 196 -1.01 16.01 9.55
C SER A 196 -0.06 16.52 8.45
N PHE A 197 -0.57 17.02 7.31
CA PHE A 197 0.34 17.76 6.37
C PHE A 197 1.05 19.00 7.01
N LYS A 198 0.38 19.67 7.95
CA LYS A 198 1.05 20.67 8.77
C LYS A 198 1.61 20.04 10.05
N THR A 199 0.78 19.77 11.09
CA THR A 199 1.25 19.14 12.38
C THR A 199 2.44 18.13 12.22
N ARG A 200 2.41 17.29 11.20
CA ARG A 200 3.39 16.22 11.05
C ARG A 200 4.56 16.49 10.05
N ALA A 201 4.57 17.66 9.42
CA ALA A 201 5.50 17.95 8.33
C ALA A 201 6.94 17.97 8.81
N GLU A 202 7.25 18.66 9.90
CA GLU A 202 8.64 18.66 10.40
C GLU A 202 9.21 17.26 10.75
N ALA A 203 8.40 16.33 11.25
CA ALA A 203 8.91 14.95 11.49
C ALA A 203 9.06 13.93 10.25
N ASP A 204 8.54 14.24 9.04
CA ASP A 204 8.70 13.40 7.79
C ASP A 204 9.84 13.86 6.83
N PRO A 205 10.45 12.90 6.18
CA PRO A 205 10.91 13.10 4.82
C PRO A 205 10.44 12.02 3.86
N GLY A 210 3.39 21.49 -3.06
CA GLY A 210 3.51 20.15 -2.46
C GLY A 210 3.59 19.11 -3.56
N GLY A 211 4.72 18.37 -3.59
CA GLY A 211 5.02 17.40 -4.63
C GLY A 211 4.00 16.27 -4.60
N ILE A 212 3.46 15.99 -3.41
CA ILE A 212 2.30 15.09 -3.30
C ILE A 212 1.03 15.68 -3.93
N ASN A 213 0.90 16.99 -3.97
CA ASN A 213 -0.28 17.47 -4.67
C ASN A 213 -0.16 17.32 -6.16
N LYS A 214 1.06 17.50 -6.70
CA LYS A 214 1.26 17.40 -8.18
C LYS A 214 0.84 16.00 -8.63
N MET A 215 1.17 15.00 -7.82
CA MET A 215 0.69 13.64 -8.09
C MET A 215 -0.82 13.36 -8.06
N ALA A 216 -1.55 13.98 -7.14
CA ALA A 216 -3.00 13.98 -7.18
C ALA A 216 -3.39 14.45 -8.58
N ALA A 217 -2.76 15.57 -8.97
CA ALA A 217 -3.20 16.35 -10.13
C ALA A 217 -2.95 15.43 -11.31
N ARG A 218 -1.87 14.66 -11.15
CA ARG A 218 -1.48 13.78 -12.22
C ARG A 218 -2.42 12.61 -12.29
N TYR A 219 -2.96 12.22 -11.13
CA TYR A 219 -3.71 10.97 -11.16
C TYR A 219 -5.11 11.32 -11.51
N LEU A 220 -5.52 12.44 -10.89
CA LEU A 220 -6.92 12.87 -10.97
C LEU A 220 -7.18 13.29 -12.36
N ASN A 221 -6.24 14.06 -12.87
CA ASN A 221 -6.45 14.57 -14.19
C ASN A 221 -7.87 15.31 -14.28
N GLY A 222 -8.16 16.10 -13.25
CA GLY A 222 -9.39 16.81 -13.23
C GLY A 222 -10.63 16.07 -12.76
N ALA A 223 -10.51 14.81 -12.31
CA ALA A 223 -11.71 14.12 -11.79
C ALA A 223 -12.05 14.63 -10.35
N ASP A 224 -13.32 14.46 -9.89
CA ASP A 224 -13.70 14.71 -8.48
C ASP A 224 -12.67 14.23 -7.43
N ALA A 225 -12.11 15.15 -6.62
CA ALA A 225 -11.04 14.61 -5.73
C ALA A 225 -11.60 13.87 -4.51
N LYS A 226 -12.91 13.98 -4.33
CA LYS A 226 -13.65 13.19 -3.31
C LYS A 226 -14.33 12.02 -3.94
N HIS A 227 -13.87 11.54 -5.10
CA HIS A 227 -14.51 10.41 -5.70
C HIS A 227 -14.07 9.21 -4.88
N PRO A 228 -15.06 8.44 -4.42
CA PRO A 228 -14.90 7.34 -3.51
C PRO A 228 -13.74 6.39 -3.89
N TYR A 229 -13.61 6.18 -5.19
CA TYR A 229 -12.67 5.27 -5.69
C TYR A 229 -11.31 5.92 -5.74
N ALA A 230 -11.21 7.24 -5.81
CA ALA A 230 -9.91 8.00 -5.77
C ALA A 230 -9.46 8.17 -4.36
N SER A 231 -10.44 8.51 -3.49
CA SER A 231 -10.26 8.96 -2.12
C SER A 231 -11.34 8.29 -1.34
N PRO A 232 -11.07 7.09 -0.82
CA PRO A 232 -11.94 6.13 -0.11
C PRO A 232 -12.25 6.39 1.38
N ASN A 233 -11.60 7.39 1.96
CA ASN A 233 -12.00 7.98 3.17
C ASN A 233 -13.31 8.71 2.95
N PHE A 234 -13.76 8.95 1.69
CA PHE A 234 -15.19 9.41 1.50
C PHE A 234 -16.08 8.39 0.91
N ALA A 235 -15.83 7.13 1.22
CA ALA A 235 -16.58 6.10 0.51
C ALA A 235 -17.53 5.41 1.43
N ASN A 236 -18.43 4.65 0.86
CA ASN A 236 -19.14 3.76 1.67
C ASN A 236 -18.37 2.44 1.80
N LEU A 237 -17.91 2.16 3.01
CA LEU A 237 -17.16 0.99 3.26
C LEU A 237 -18.03 -0.13 3.79
N LYS A 238 -19.35 0.10 3.90
CA LYS A 238 -20.19 -0.95 4.50
C LYS A 238 -20.01 -2.29 3.79
N GLY A 239 -19.53 -3.28 4.52
CA GLY A 239 -19.43 -4.68 4.04
C GLY A 239 -18.01 -5.24 3.89
N LEU A 240 -17.01 -4.34 3.99
CA LEU A 240 -15.64 -4.73 3.71
C LEU A 240 -15.11 -5.56 4.89
N PRO A 241 -14.01 -6.29 4.69
CA PRO A 241 -13.51 -7.25 5.69
C PRO A 241 -12.63 -6.56 6.76
N PRO A 242 -12.26 -7.31 7.84
CA PRO A 242 -11.44 -6.74 8.93
C PRO A 242 -10.15 -6.15 8.28
N LEU A 243 -9.82 -4.95 8.73
CA LEU A 243 -8.75 -4.06 8.25
C LEU A 243 -7.70 -3.92 9.35
N LEU A 244 -6.43 -3.89 9.00
CA LEU A 244 -5.42 -3.56 9.99
C LEU A 244 -4.72 -2.46 9.31
N ILE A 245 -4.50 -1.35 9.96
CA ILE A 245 -4.00 -0.13 9.31
C ILE A 245 -2.78 0.31 10.08
N HIS A 246 -1.68 0.41 9.36
CA HIS A 246 -0.37 0.78 9.92
C HIS A 246 0.00 2.24 9.48
N VAL A 247 0.76 2.99 10.27
CA VAL A 247 1.01 4.39 9.94
C VAL A 247 1.86 4.89 11.07
N GLY A 248 2.75 5.83 10.75
CA GLY A 248 3.82 6.24 11.65
C GLY A 248 3.31 7.54 12.16
N ARG A 249 3.46 7.78 13.47
CA ARG A 249 3.24 9.12 14.08
C ARG A 249 4.02 10.22 13.32
N ASP A 250 5.26 9.97 12.90
CA ASP A 250 6.03 11.02 12.21
C ASP A 250 5.89 10.95 10.69
N GLU A 251 4.64 11.03 10.24
CA GLU A 251 4.39 11.14 8.85
C GLU A 251 3.25 12.02 8.48
N VAL A 252 3.44 12.58 7.35
CA VAL A 252 2.54 13.58 6.87
C VAL A 252 1.14 12.94 6.65
N LEU A 253 1.10 11.65 6.53
CA LEU A 253 -0.09 11.12 5.98
C LEU A 253 -0.87 10.59 7.15
N LEU A 254 -0.52 10.99 8.36
CA LEU A 254 -1.13 10.38 9.53
C LEU A 254 -2.67 10.53 9.48
N ASP A 255 -3.11 11.74 9.16
CA ASP A 255 -4.55 12.02 9.30
C ASP A 255 -5.39 11.08 8.41
N ASP A 256 -4.96 10.90 7.16
CA ASP A 256 -5.52 9.91 6.28
C ASP A 256 -5.75 8.52 6.97
N SER A 257 -4.81 8.05 7.76
CA SER A 257 -5.03 6.78 8.46
C SER A 257 -6.07 6.82 9.66
N ILE A 258 -6.16 7.95 10.36
CA ILE A 258 -7.05 7.96 11.51
C ILE A 258 -8.49 8.06 11.02
N LYS A 259 -8.65 8.72 9.85
CA LYS A 259 -9.95 9.02 9.35
C LYS A 259 -10.31 7.75 8.68
N LEU A 260 -9.31 7.01 8.21
CA LEU A 260 -9.71 5.79 7.55
C LEU A 260 -10.38 4.95 8.62
N ASP A 261 -9.88 5.09 9.84
CA ASP A 261 -10.31 4.20 10.89
C ASP A 261 -11.67 4.64 11.36
N ALA A 262 -11.80 5.95 11.60
CA ALA A 262 -13.12 6.56 11.86
C ALA A 262 -14.25 6.11 10.90
N LYS A 263 -14.03 6.23 9.59
CA LYS A 263 -15.06 5.94 8.61
C LYS A 263 -15.44 4.50 8.65
N ALA A 264 -14.43 3.61 8.63
CA ALA A 264 -14.66 2.16 8.80
C ALA A 264 -15.59 1.87 9.98
N LYS A 265 -15.22 2.47 11.12
CA LYS A 265 -15.95 2.34 12.39
C LYS A 265 -17.39 2.72 12.14
N ALA A 266 -17.57 4.01 11.82
CA ALA A 266 -18.74 4.56 11.21
C ALA A 266 -19.37 3.57 10.28
N ASP A 267 -18.58 2.87 9.45
CA ASP A 267 -19.26 2.05 8.48
C ASP A 267 -19.53 0.60 8.75
N GLY A 268 -19.23 0.16 9.94
CA GLY A 268 -19.61 -1.19 10.24
C GLY A 268 -18.39 -2.04 10.22
N VAL A 269 -17.30 -1.49 9.73
CA VAL A 269 -16.11 -2.31 9.57
C VAL A 269 -15.24 -2.44 10.86
N LYS A 270 -14.65 -3.64 11.07
CA LYS A 270 -13.52 -3.82 12.01
C LYS A 270 -12.15 -3.31 11.49
N SER A 271 -11.42 -2.58 12.31
CA SER A 271 -10.07 -2.18 11.95
C SER A 271 -9.38 -2.07 13.22
N THR A 272 -8.10 -2.06 13.15
CA THR A 272 -7.23 -1.86 14.25
C THR A 272 -6.30 -0.85 13.64
N LEU A 273 -6.32 0.34 14.16
CA LEU A 273 -5.37 1.35 13.70
C LEU A 273 -4.19 1.10 14.60
N GLU A 274 -2.98 1.02 14.03
CA GLU A 274 -1.84 0.94 14.94
C GLU A 274 -0.92 2.07 14.65
N ILE A 275 -1.03 3.24 15.23
CA ILE A 275 -0.04 4.31 14.94
C ILE A 275 1.28 3.96 15.62
N TRP A 276 2.37 3.65 14.89
CA TRP A 276 3.63 3.28 15.54
C TRP A 276 4.42 4.53 15.74
N ASP A 277 4.89 4.78 16.96
CA ASP A 277 5.53 6.09 17.22
C ASP A 277 6.97 6.10 16.77
N ASP A 278 7.47 7.33 16.55
CA ASP A 278 8.77 7.61 15.88
C ASP A 278 8.95 6.97 14.53
N MET A 279 7.86 6.35 14.04
CA MET A 279 7.91 5.83 12.71
C MET A 279 7.59 6.85 11.60
N ILE A 280 8.12 6.51 10.44
CA ILE A 280 7.99 7.27 9.24
C ILE A 280 7.32 6.41 8.13
N HIS A 281 6.91 7.12 7.09
CA HIS A 281 6.24 6.57 5.99
C HIS A 281 6.72 5.15 5.63
N VAL A 282 5.82 4.18 5.63
CA VAL A 282 6.17 2.87 5.14
C VAL A 282 7.54 2.34 5.68
N TRP A 283 7.67 2.38 7.00
CA TRP A 283 8.93 2.12 7.64
C TRP A 283 9.21 0.59 7.40
N HIS A 284 8.16 -0.16 7.08
CA HIS A 284 8.31 -1.52 6.66
C HIS A 284 9.41 -1.63 5.59
N ALA A 285 9.63 -0.58 4.80
CA ALA A 285 10.40 -0.83 3.65
C ALA A 285 11.82 -0.84 4.12
N PHE A 286 12.04 -0.42 5.37
CA PHE A 286 13.41 -0.33 5.82
C PHE A 286 13.74 -1.46 6.70
N HIS A 287 12.97 -2.56 6.61
CA HIS A 287 13.27 -3.75 7.40
C HIS A 287 14.74 -4.19 7.34
N PRO A 288 15.44 -4.05 6.19
CA PRO A 288 16.79 -4.63 6.28
C PRO A 288 17.59 -3.97 7.32
N MET A 289 17.36 -2.71 7.61
CA MET A 289 18.21 -2.19 8.73
C MET A 289 17.46 -1.68 9.97
N LEU A 290 16.15 -1.93 10.03
CA LEU A 290 15.24 -1.22 10.97
C LEU A 290 14.35 -2.21 11.78
N PRO A 291 14.63 -2.36 13.08
CA PRO A 291 13.93 -3.39 13.86
C PRO A 291 12.39 -3.33 13.83
N GLU A 292 11.83 -2.13 13.88
CA GLU A 292 10.38 -1.91 13.72
C GLU A 292 9.88 -2.25 12.32
N GLY A 293 10.80 -2.18 11.35
CA GLY A 293 10.53 -2.54 10.01
C GLY A 293 10.14 -3.98 10.07
N LYS A 294 10.95 -4.75 10.74
CA LYS A 294 10.96 -6.18 10.63
C LYS A 294 9.72 -6.54 11.33
N GLN A 295 9.49 -5.88 12.44
CA GLN A 295 8.44 -6.32 13.31
C GLN A 295 7.08 -5.88 12.79
N ALA A 296 7.04 -4.75 12.09
CA ALA A 296 5.73 -4.29 11.60
C ALA A 296 5.24 -5.27 10.57
N ILE A 297 6.18 -5.74 9.75
CA ILE A 297 5.95 -6.77 8.72
C ILE A 297 5.52 -8.07 9.37
N VAL A 298 6.29 -8.57 10.36
CA VAL A 298 5.89 -9.81 11.09
C VAL A 298 4.40 -9.67 11.44
N ARG A 299 4.00 -8.42 11.75
CA ARG A 299 2.75 -8.24 12.44
C ARG A 299 1.64 -8.15 11.42
N VAL A 300 2.06 -7.81 10.21
CA VAL A 300 1.14 -7.77 9.11
C VAL A 300 0.79 -9.20 8.83
N GLY A 301 1.85 -10.02 8.85
CA GLY A 301 1.73 -11.49 8.72
C GLY A 301 0.80 -12.13 9.74
N GLU A 302 0.99 -11.77 11.01
CA GLU A 302 0.16 -12.37 12.06
C GLU A 302 -1.26 -12.03 11.86
N PHE A 303 -1.50 -10.76 11.54
CA PHE A 303 -2.81 -10.30 11.22
C PHE A 303 -3.54 -11.03 10.03
N MET A 304 -2.93 -11.24 8.87
CA MET A 304 -3.65 -11.97 7.90
C MET A 304 -3.70 -13.42 8.27
N ARG A 305 -2.64 -13.91 8.90
CA ARG A 305 -2.76 -15.33 9.32
C ARG A 305 -3.92 -15.52 10.30
N GLU A 306 -4.00 -14.61 11.27
CA GLU A 306 -5.11 -14.56 12.19
C GLU A 306 -6.45 -14.53 11.44
N GLN A 307 -6.58 -13.67 10.42
CA GLN A 307 -7.88 -13.51 9.76
C GLN A 307 -8.18 -14.72 9.00
N TRP A 308 -7.13 -15.29 8.45
CA TRP A 308 -7.36 -16.54 7.81
C TRP A 308 -7.74 -17.73 8.79
N ALA A 309 -7.10 -17.82 9.97
CA ALA A 309 -7.38 -18.97 10.94
C ALA A 309 -8.84 -19.00 11.48
N ALA A 310 -9.59 -17.91 11.23
CA ALA A 310 -10.91 -17.58 11.79
C ALA A 310 -12.15 -18.06 11.03
C PMS B . 3.53 7.96 -0.63
S PMS B . 2.11 7.39 -1.27
C1 PMS B . 4.37 8.47 -1.77
C2 PMS B . 4.20 9.81 -2.19
C3 PMS B . 5.03 10.27 -3.26
C4 PMS B . 6.03 9.41 -3.87
C5 PMS B . 6.20 8.05 -3.40
C6 PMS B . 5.36 7.60 -2.35
O2S PMS B . 1.84 8.97 -2.06
O1S PMS B . 2.87 6.69 -2.47
#